data_8PTD
#
_entry.id   8PTD
#
_cell.length_a   52.471
_cell.length_b   147.665
_cell.length_c   116.043
_cell.angle_alpha   90.00
_cell.angle_beta   90.00
_cell.angle_gamma   90.00
#
_symmetry.space_group_name_H-M   'C 2 2 21'
#
loop_
_entity.id
_entity.type
_entity.pdbx_description
1 polymer 'YncE family protein'
2 non-polymer GLYCEROL
3 non-polymer COBALAMIN
4 non-polymer 'HYDROXIDE ION'
5 non-polymer 'SODIUM ION'
6 water water
#
_entity_poly.entity_id   1
_entity_poly.type   'polypeptide(L)'
_entity_poly.pdbx_seq_one_letter_code
;ESNGDVFETGTAEMYILSEGLFNQNNSSLARYSFNRQRCTNNYFSANNQRGLGDTANDIAIYGNKIYVVVNVSSTVEVID
FPTGKSIRQISMLRDNGSSRQPRAIAFDKDKAYICSYDGTVARIDTTSLEIEEIVTVGRNAEDICVQNGKLYVSNSGGLD
YSGPGVDTTVSVIDITTFKETKKIEVGPNPGKILPGLEEAVYVVTRGTDIEAGDYHLVKIDSRTDAVAITYDEKVLSFAI
DGPIAYLYTYDYQTKDSANKVFDLNAGTVIRDNFITDGTAIQTPFSIQLNPFSGNIYITEAYNYTVKGDVLCFNQQGQLQ
YRLNDIGLNPNTVVFSDKASQNE
;
_entity_poly.pdbx_strand_id   A
#
loop_
_chem_comp.id
_chem_comp.type
_chem_comp.name
_chem_comp.formula
B12 non-polymer COBALAMIN 'C62 H89 Co N13 O14 P 2'
GOL non-polymer GLYCEROL 'C3 H8 O3'
NA non-polymer 'SODIUM ION' 'Na 1'
OH non-polymer 'HYDROXIDE ION' 'H O -1'
#
# COMPACT_ATOMS: atom_id res chain seq x y z
N GLU A 1 -2.84 18.00 18.20
CA GLU A 1 -2.84 16.64 17.66
C GLU A 1 -3.84 16.43 16.50
N SER A 2 -4.87 17.27 16.38
CA SER A 2 -5.78 17.15 15.25
C SER A 2 -6.37 18.51 14.89
N ASN A 3 -7.00 18.57 13.71
CA ASN A 3 -7.80 19.72 13.29
CA ASN A 3 -7.80 19.72 13.31
C ASN A 3 -9.05 19.21 12.62
N GLY A 4 -10.19 19.83 12.93
CA GLY A 4 -11.45 19.36 12.39
C GLY A 4 -12.08 18.32 13.30
N ASP A 5 -13.37 18.08 13.08
CA ASP A 5 -14.07 17.11 13.90
C ASP A 5 -13.68 15.74 13.39
N VAL A 6 -13.06 14.93 14.25
CA VAL A 6 -12.55 13.62 13.83
C VAL A 6 -13.76 12.68 13.82
N PHE A 7 -14.23 12.39 12.62
CA PHE A 7 -15.51 11.76 12.42
C PHE A 7 -15.44 10.94 11.14
N GLU A 8 -16.05 9.76 11.17
CA GLU A 8 -16.21 8.98 9.97
C GLU A 8 -17.58 8.32 10.04
N THR A 9 -18.16 8.13 8.88
CA THR A 9 -19.38 7.34 8.78
C THR A 9 -19.02 5.88 8.60
N GLY A 10 -19.76 5.02 9.29
CA GLY A 10 -19.67 3.59 9.07
C GLY A 10 -18.37 2.96 9.47
N THR A 11 -17.56 3.66 10.27
CA THR A 11 -16.21 3.24 10.62
C THR A 11 -16.02 3.28 12.14
N ALA A 12 -15.59 2.15 12.72
CA ALA A 12 -15.27 2.06 14.14
C ALA A 12 -13.84 2.47 14.44
N GLU A 13 -12.88 2.08 13.60
CA GLU A 13 -11.47 2.32 13.91
C GLU A 13 -10.71 2.51 12.62
N MET A 14 -9.58 3.21 12.73
CA MET A 14 -8.61 3.36 11.66
C MET A 14 -7.23 2.96 12.18
N TYR A 15 -6.42 2.34 11.32
CA TYR A 15 -5.02 2.01 11.64
C TYR A 15 -4.11 2.71 10.65
N ILE A 16 -3.06 3.36 11.15
CA ILE A 16 -2.11 4.11 10.32
C ILE A 16 -0.74 3.50 10.55
N LEU A 17 -0.13 2.99 9.48
CA LEU A 17 1.20 2.40 9.54
C LEU A 17 2.24 3.44 9.18
N SER A 18 3.34 3.48 9.94
CA SER A 18 4.44 4.41 9.69
C SER A 18 5.72 3.58 9.52
N GLU A 19 6.44 3.83 8.43
CA GLU A 19 7.62 3.03 8.15
C GLU A 19 8.87 3.49 8.89
N GLY A 20 8.83 4.62 9.60
CA GLY A 20 10.06 5.18 10.13
C GLY A 20 11.04 5.50 9.01
N LEU A 21 12.33 5.28 9.28
CA LEU A 21 13.37 5.53 8.30
C LEU A 21 14.21 4.27 8.11
N PHE A 22 14.70 4.12 6.87
CA PHE A 22 15.46 2.96 6.42
C PHE A 22 16.64 2.76 7.37
N ASN A 23 16.76 1.57 7.94
CA ASN A 23 17.84 1.15 8.83
C ASN A 23 17.82 1.85 10.18
N GLN A 24 16.75 2.60 10.50
CA GLN A 24 16.60 3.20 11.83
C GLN A 24 15.68 2.42 12.76
N ASN A 25 15.09 1.31 12.28
CA ASN A 25 14.38 0.37 13.15
C ASN A 25 13.28 1.05 13.96
N ASN A 26 12.52 1.95 13.34
CA ASN A 26 11.61 2.78 14.12
C ASN A 26 10.24 2.92 13.44
N SER A 27 9.73 1.82 12.88
CA SER A 27 8.34 1.77 12.42
C SER A 27 7.37 1.87 13.60
N SER A 28 6.12 2.22 13.30
CA SER A 28 5.11 2.25 14.37
C SER A 28 3.73 2.08 13.77
N LEU A 29 2.76 1.76 14.64
CA LEU A 29 1.38 1.56 14.21
C LEU A 29 0.49 2.39 15.13
N ALA A 30 -0.29 3.30 14.55
CA ALA A 30 -1.26 4.08 15.34
C ALA A 30 -2.66 3.52 15.12
N ARG A 31 -3.48 3.61 16.16
CA ARG A 31 -4.88 3.27 16.04
C ARG A 31 -5.72 4.45 16.47
N TYR A 32 -6.70 4.84 15.66
CA TYR A 32 -7.70 5.79 16.11
C TYR A 32 -9.04 5.10 16.24
N SER A 33 -9.64 5.17 17.43
CA SER A 33 -10.98 4.64 17.65
C SER A 33 -11.98 5.78 17.51
N PHE A 34 -12.80 5.72 16.45
CA PHE A 34 -13.88 6.70 16.31
C PHE A 34 -14.93 6.46 17.38
N ASN A 35 -15.15 5.19 17.74
CA ASN A 35 -16.18 4.88 18.72
C ASN A 35 -15.86 5.50 20.06
N ARG A 36 -14.59 5.47 20.47
CA ARG A 36 -14.18 5.98 21.78
C ARG A 36 -13.51 7.34 21.72
N GLN A 37 -13.36 7.91 20.52
CA GLN A 37 -12.59 9.13 20.27
C GLN A 37 -11.23 9.10 20.97
N ARG A 38 -10.44 8.06 20.68
CA ARG A 38 -9.17 7.82 21.35
C ARG A 38 -8.10 7.45 20.33
N CYS A 39 -6.95 8.10 20.42
CA CYS A 39 -5.80 7.83 19.55
C CYS A 39 -4.71 7.13 20.36
N THR A 40 -4.14 6.06 19.82
CA THR A 40 -3.00 5.36 20.42
C THR A 40 -1.87 5.35 19.38
N ASN A 41 -0.80 6.15 19.61
CA ASN A 41 0.25 6.34 18.60
C ASN A 41 1.18 5.13 18.45
N ASN A 42 1.23 4.25 19.45
CA ASN A 42 2.16 3.14 19.58
CA ASN A 42 2.17 3.11 19.46
C ASN A 42 1.40 1.85 19.87
N TYR A 43 0.37 1.58 19.08
CA TYR A 43 -0.55 0.47 19.34
C TYR A 43 0.18 -0.87 19.34
N PHE A 44 1.18 -1.07 18.48
CA PHE A 44 1.79 -2.40 18.50
C PHE A 44 2.68 -2.56 19.73
N SER A 45 3.56 -1.60 20.00
CA SER A 45 4.46 -1.78 21.12
C SER A 45 3.73 -1.66 22.46
N ALA A 46 2.67 -0.85 22.56
CA ALA A 46 1.91 -0.72 23.81
C ALA A 46 1.36 -2.05 24.28
N ASN A 47 0.94 -2.88 23.33
CA ASN A 47 0.27 -4.14 23.59
C ASN A 47 1.20 -5.33 23.53
N ASN A 48 2.40 -5.15 22.97
CA ASN A 48 3.27 -6.29 22.76
C ASN A 48 4.67 -6.13 23.35
N GLN A 49 4.99 -4.98 23.92
CA GLN A 49 6.25 -4.77 24.65
C GLN A 49 7.49 -5.01 23.77
N ARG A 50 7.36 -4.78 22.46
CA ARG A 50 8.47 -4.77 21.52
C ARG A 50 8.05 -3.94 20.33
N GLY A 51 9.04 -3.51 19.51
CA GLY A 51 8.73 -2.69 18.36
C GLY A 51 8.40 -3.49 17.12
N LEU A 52 7.71 -2.83 16.19
CA LEU A 52 7.36 -3.45 14.91
C LEU A 52 8.61 -3.73 14.07
N GLY A 53 9.64 -2.89 14.19
CA GLY A 53 10.85 -3.10 13.43
C GLY A 53 11.16 -2.06 12.38
N ASP A 54 11.83 -2.50 11.32
CA ASP A 54 12.45 -1.61 10.35
C ASP A 54 11.72 -1.67 9.02
N THR A 55 11.21 -0.52 8.58
CA THR A 55 10.53 -0.32 7.30
C THR A 55 9.28 -1.21 7.16
N ALA A 56 8.37 -1.06 8.12
CA ALA A 56 7.03 -1.62 7.98
C ALA A 56 6.36 -1.00 6.76
N ASN A 57 5.94 -1.83 5.80
CA ASN A 57 5.67 -1.37 4.45
C ASN A 57 4.24 -1.60 3.97
N ASP A 58 3.46 -2.44 4.65
CA ASP A 58 2.09 -2.73 4.25
C ASP A 58 1.33 -3.23 5.48
N ILE A 59 0.03 -2.99 5.47
CA ILE A 59 -0.85 -3.47 6.52
C ILE A 59 -2.22 -3.75 5.90
N ALA A 60 -2.88 -4.78 6.42
CA ALA A 60 -4.22 -5.12 5.99
C ALA A 60 -4.92 -5.85 7.12
N ILE A 61 -6.26 -5.76 7.11
CA ILE A 61 -7.12 -6.50 8.02
C ILE A 61 -7.86 -7.54 7.18
N TYR A 62 -7.77 -8.80 7.58
CA TYR A 62 -8.43 -9.87 6.83
C TYR A 62 -8.82 -10.97 7.77
N GLY A 63 -10.07 -11.41 7.62
CA GLY A 63 -10.74 -12.17 8.63
C GLY A 63 -10.82 -11.22 9.79
N ASN A 64 -10.21 -11.69 10.84
CA ASN A 64 -10.19 -11.06 12.14
C ASN A 64 -8.75 -10.98 12.63
N LYS A 65 -7.80 -10.85 11.70
CA LYS A 65 -6.38 -10.68 11.96
C LYS A 65 -5.89 -9.41 11.27
N ILE A 66 -4.90 -8.74 11.88
CA ILE A 66 -4.18 -7.63 11.25
C ILE A 66 -2.82 -8.18 10.80
N TYR A 67 -2.45 -7.92 9.55
CA TYR A 67 -1.17 -8.33 9.00
C TYR A 67 -0.31 -7.10 8.73
N VAL A 68 0.93 -7.10 9.22
CA VAL A 68 1.89 -6.04 8.92
C VAL A 68 3.11 -6.66 8.27
N VAL A 69 3.43 -6.21 7.06
CA VAL A 69 4.65 -6.64 6.37
C VAL A 69 5.78 -5.72 6.76
N VAL A 70 6.84 -6.28 7.35
CA VAL A 70 7.95 -5.48 7.84
C VAL A 70 9.17 -5.81 6.96
N ASN A 71 9.51 -4.88 6.08
CA ASN A 71 10.41 -5.13 4.96
C ASN A 71 11.83 -5.46 5.42
N VAL A 72 12.46 -4.57 6.20
CA VAL A 72 13.86 -4.76 6.56
C VAL A 72 14.03 -5.74 7.75
N SER A 73 13.12 -5.72 8.73
CA SER A 73 13.12 -6.79 9.72
C SER A 73 12.82 -8.13 9.06
N SER A 74 12.23 -8.10 7.86
CA SER A 74 11.94 -9.28 7.05
C SER A 74 11.01 -10.27 7.77
N THR A 75 9.86 -9.74 8.19
CA THR A 75 8.84 -10.50 8.91
C THR A 75 7.46 -10.13 8.38
N VAL A 76 6.49 -10.98 8.69
CA VAL A 76 5.08 -10.62 8.64
C VAL A 76 4.57 -10.75 10.07
N GLU A 77 4.22 -9.63 10.68
CA GLU A 77 3.66 -9.62 12.03
C GLU A 77 2.15 -9.81 11.93
N VAL A 78 1.63 -10.89 12.52
CA VAL A 78 0.19 -11.18 12.51
C VAL A 78 -0.35 -10.91 13.91
N ILE A 79 -1.44 -10.13 13.97
CA ILE A 79 -1.97 -9.58 15.21
C ILE A 79 -3.45 -9.95 15.32
N ASP A 80 -3.88 -10.29 16.51
CA ASP A 80 -5.30 -10.59 16.75
C ASP A 80 -6.10 -9.29 16.73
N PHE A 81 -7.09 -9.18 15.82
CA PHE A 81 -7.82 -7.91 15.76
C PHE A 81 -8.53 -7.58 17.07
N PRO A 82 -9.24 -8.49 17.72
CA PRO A 82 -9.95 -8.09 18.95
C PRO A 82 -9.04 -7.56 20.04
N THR A 83 -7.85 -8.13 20.25
CA THR A 83 -7.04 -7.76 21.40
C THR A 83 -5.86 -6.85 21.06
N GLY A 84 -5.46 -6.79 19.80
CA GLY A 84 -4.21 -6.13 19.50
C GLY A 84 -2.97 -6.90 19.86
N LYS A 85 -3.10 -8.16 20.28
CA LYS A 85 -1.96 -8.96 20.70
C LYS A 85 -1.35 -9.75 19.53
N SER A 86 -0.02 -9.79 19.50
CA SER A 86 0.66 -10.58 18.49
C SER A 86 0.24 -12.06 18.57
N ILE A 87 -0.13 -12.63 17.44
CA ILE A 87 -0.34 -14.07 17.31
C ILE A 87 0.94 -14.77 16.88
N ARG A 88 1.59 -14.25 15.85
CA ARG A 88 2.80 -14.88 15.35
C ARG A 88 3.63 -13.85 14.61
N GLN A 89 4.95 -13.96 14.78
CA GLN A 89 5.92 -13.26 13.94
C GLN A 89 6.46 -14.28 12.94
N ILE A 90 6.16 -14.08 11.66
CA ILE A 90 6.54 -15.02 10.62
C ILE A 90 7.82 -14.50 9.98
N SER A 91 8.93 -15.19 10.16
CA SER A 91 10.18 -14.77 9.54
CA SER A 91 10.15 -14.74 9.53
C SER A 91 10.16 -15.16 8.07
N MET A 92 10.54 -14.23 7.21
CA MET A 92 10.55 -14.41 5.78
C MET A 92 12.01 -14.52 5.33
N LEU A 93 12.51 -15.74 5.14
CA LEU A 93 13.93 -15.99 4.88
C LEU A 93 14.11 -16.83 3.63
N ARG A 94 15.20 -16.55 2.90
CA ARG A 94 15.61 -17.37 1.78
C ARG A 94 16.08 -18.73 2.29
N ASP A 95 16.31 -19.65 1.35
CA ASP A 95 16.74 -20.99 1.72
C ASP A 95 18.05 -20.95 2.49
N ASN A 96 18.90 -19.97 2.21
CA ASN A 96 20.16 -19.84 2.93
C ASN A 96 20.03 -19.06 4.23
N GLY A 97 18.82 -18.62 4.60
CA GLY A 97 18.61 -17.90 5.84
C GLY A 97 18.68 -16.39 5.75
N SER A 98 18.99 -15.84 4.57
CA SER A 98 19.02 -14.39 4.41
C SER A 98 17.60 -13.81 4.31
N SER A 99 17.49 -12.51 4.57
CA SER A 99 16.20 -11.82 4.45
C SER A 99 15.64 -11.93 3.02
N ARG A 100 14.34 -12.29 2.90
CA ARG A 100 13.65 -12.11 1.63
C ARG A 100 13.29 -10.65 1.38
N GLN A 101 13.08 -9.86 2.45
CA GLN A 101 12.62 -8.47 2.36
C GLN A 101 11.24 -8.40 1.71
N PRO A 102 10.23 -8.88 2.44
CA PRO A 102 8.85 -8.82 1.93
C PRO A 102 8.36 -7.39 1.81
N ARG A 103 7.37 -7.20 0.92
CA ARG A 103 6.86 -5.88 0.55
C ARG A 103 5.37 -5.68 0.79
N ALA A 104 4.52 -6.61 0.37
CA ALA A 104 3.08 -6.36 0.30
C ALA A 104 2.33 -7.67 0.44
N ILE A 105 1.04 -7.58 0.80
CA ILE A 105 0.23 -8.77 1.04
C ILE A 105 -1.12 -8.62 0.35
N ALA A 106 -1.64 -9.73 -0.17
CA ALA A 106 -2.99 -9.79 -0.70
C ALA A 106 -3.63 -11.09 -0.25
N PHE A 107 -4.95 -11.20 -0.41
CA PHE A 107 -5.66 -12.32 0.19
C PHE A 107 -6.68 -12.91 -0.79
N ASP A 108 -6.91 -14.22 -0.65
CA ASP A 108 -7.96 -14.87 -1.41
C ASP A 108 -8.35 -16.15 -0.66
N LYS A 109 -9.65 -16.33 -0.43
CA LYS A 109 -10.13 -17.48 0.33
C LYS A 109 -9.38 -17.53 1.67
N ASP A 110 -8.85 -18.67 2.10
CA ASP A 110 -8.18 -18.73 3.39
C ASP A 110 -6.67 -18.66 3.25
N LYS A 111 -6.18 -17.97 2.22
CA LYS A 111 -4.76 -17.83 1.98
C LYS A 111 -4.36 -16.36 1.89
N ALA A 112 -3.16 -16.08 2.37
CA ALA A 112 -2.49 -14.80 2.19
C ALA A 112 -1.27 -14.99 1.31
N TYR A 113 -0.94 -13.96 0.53
CA TYR A 113 0.13 -14.03 -0.48
C TYR A 113 1.03 -12.82 -0.27
N ILE A 114 2.32 -13.06 -0.04
CA ILE A 114 3.25 -11.98 0.30
C ILE A 114 4.34 -11.97 -0.76
N CYS A 115 4.52 -10.83 -1.44
CA CYS A 115 5.61 -10.72 -2.40
C CYS A 115 6.83 -10.08 -1.75
N SER A 116 8.01 -10.41 -2.27
CA SER A 116 9.27 -10.03 -1.62
C SER A 116 10.31 -9.60 -2.65
N TYR A 117 11.27 -8.82 -2.17
CA TYR A 117 12.29 -8.27 -3.06
C TYR A 117 13.27 -9.32 -3.57
N ASP A 118 13.29 -10.52 -2.98
CA ASP A 118 14.07 -11.60 -3.57
C ASP A 118 13.39 -12.22 -4.79
N GLY A 119 12.24 -11.71 -5.20
CA GLY A 119 11.62 -12.18 -6.42
C GLY A 119 10.68 -13.35 -6.22
N THR A 120 10.00 -13.42 -5.08
CA THR A 120 9.15 -14.55 -4.73
C THR A 120 7.80 -14.08 -4.22
N VAL A 121 6.84 -15.00 -4.29
CA VAL A 121 5.57 -14.89 -3.61
C VAL A 121 5.41 -16.10 -2.69
N ALA A 122 5.12 -15.85 -1.43
CA ALA A 122 4.88 -16.88 -0.43
C ALA A 122 3.39 -17.00 -0.13
N ARG A 123 2.89 -18.22 -0.08
CA ARG A 123 1.52 -18.49 0.35
C ARG A 123 1.51 -18.89 1.82
N ILE A 124 0.73 -18.17 2.62
CA ILE A 124 0.55 -18.42 4.06
C ILE A 124 -0.91 -18.79 4.30
N ASP A 125 -1.13 -19.83 5.11
CA ASP A 125 -2.49 -20.20 5.49
C ASP A 125 -2.98 -19.26 6.59
N THR A 126 -4.21 -18.74 6.43
CA THR A 126 -4.69 -17.77 7.40
C THR A 126 -5.14 -18.40 8.71
N THR A 127 -5.28 -19.73 8.77
CA THR A 127 -5.59 -20.39 10.03
C THR A 127 -4.32 -20.82 10.78
N SER A 128 -3.49 -21.63 10.12
CA SER A 128 -2.26 -22.13 10.74
C SER A 128 -1.15 -21.08 10.79
N LEU A 129 -1.21 -20.07 9.92
CA LEU A 129 -0.15 -19.06 9.79
C LEU A 129 1.20 -19.69 9.45
N GLU A 130 1.16 -20.85 8.80
CA GLU A 130 2.36 -21.46 8.24
C GLU A 130 2.57 -21.05 6.79
N ILE A 131 3.84 -20.93 6.42
CA ILE A 131 4.22 -20.77 5.03
C ILE A 131 4.09 -22.11 4.33
N GLU A 132 3.23 -22.18 3.32
CA GLU A 132 2.94 -23.42 2.62
C GLU A 132 3.76 -23.62 1.35
N GLU A 133 4.00 -22.56 0.59
CA GLU A 133 4.62 -22.71 -0.72
C GLU A 133 5.24 -21.38 -1.14
N ILE A 134 6.27 -21.46 -1.98
CA ILE A 134 6.98 -20.31 -2.53
C ILE A 134 7.01 -20.47 -4.04
N VAL A 135 6.69 -19.39 -4.78
CA VAL A 135 6.84 -19.41 -6.23
C VAL A 135 7.67 -18.21 -6.65
N THR A 136 8.48 -18.38 -7.70
CA THR A 136 9.27 -17.26 -8.18
C THR A 136 8.46 -16.45 -9.19
N VAL A 137 8.69 -15.13 -9.18
CA VAL A 137 8.06 -14.23 -10.15
C VAL A 137 9.19 -13.56 -10.92
N GLY A 138 9.16 -12.23 -11.10
CA GLY A 138 10.29 -11.51 -11.66
C GLY A 138 11.18 -10.91 -10.58
N ARG A 139 11.88 -9.83 -10.92
CA ARG A 139 12.91 -9.27 -10.05
C ARG A 139 12.36 -8.18 -9.12
N ASN A 140 12.82 -8.18 -7.85
CA ASN A 140 12.37 -7.24 -6.82
C ASN A 140 10.87 -6.97 -6.74
N ALA A 141 10.08 -8.02 -6.56
CA ALA A 141 8.63 -7.88 -6.48
C ALA A 141 8.20 -6.83 -5.47
N GLU A 142 7.32 -5.91 -5.89
CA GLU A 142 7.02 -4.66 -5.20
C GLU A 142 5.62 -4.63 -4.61
N ASP A 143 4.62 -5.04 -5.38
CA ASP A 143 3.26 -4.97 -4.89
C ASP A 143 2.48 -6.13 -5.49
N ILE A 144 1.34 -6.43 -4.88
CA ILE A 144 0.57 -7.62 -5.28
C ILE A 144 -0.92 -7.37 -5.05
N CYS A 145 -1.76 -7.85 -5.98
CA CYS A 145 -3.21 -7.80 -5.80
C CYS A 145 -3.83 -9.05 -6.43
N VAL A 146 -5.11 -9.27 -6.13
CA VAL A 146 -5.90 -10.38 -6.67
C VAL A 146 -6.92 -9.83 -7.65
N GLN A 147 -7.09 -10.51 -8.78
CA GLN A 147 -8.19 -10.22 -9.71
C GLN A 147 -8.55 -11.48 -10.49
N ASN A 148 -9.83 -11.84 -10.55
CA ASN A 148 -10.29 -12.86 -11.50
C ASN A 148 -9.56 -14.20 -11.28
N GLY A 149 -9.40 -14.58 -10.00
CA GLY A 149 -8.78 -15.85 -9.63
C GLY A 149 -7.27 -15.91 -9.82
N LYS A 150 -6.62 -14.77 -10.03
CA LYS A 150 -5.19 -14.76 -10.32
C LYS A 150 -4.53 -13.69 -9.45
N LEU A 151 -3.23 -13.85 -9.21
CA LEU A 151 -2.44 -12.83 -8.53
C LEU A 151 -1.67 -12.04 -9.59
N TYR A 152 -1.56 -10.73 -9.37
CA TYR A 152 -0.80 -9.83 -10.24
C TYR A 152 0.28 -9.18 -9.40
N VAL A 153 1.55 -9.29 -9.83
CA VAL A 153 2.68 -8.89 -9.00
C VAL A 153 3.58 -7.97 -9.82
N SER A 154 3.88 -6.77 -9.30
CA SER A 154 4.76 -5.86 -10.03
CA SER A 154 4.77 -5.84 -9.99
C SER A 154 6.23 -6.25 -9.82
N ASN A 155 6.89 -6.61 -10.90
CA ASN A 155 8.31 -6.94 -10.83
C ASN A 155 9.10 -5.66 -11.05
N SER A 156 9.41 -4.92 -9.97
CA SER A 156 10.02 -3.61 -10.15
C SER A 156 11.45 -3.71 -10.69
N GLY A 157 12.22 -4.69 -10.22
CA GLY A 157 13.66 -4.64 -10.43
C GLY A 157 14.31 -3.37 -9.91
N GLY A 158 13.69 -2.68 -8.95
CA GLY A 158 14.17 -1.37 -8.53
C GLY A 158 15.57 -1.41 -7.91
N LEU A 159 15.85 -2.46 -7.14
CA LEU A 159 17.15 -2.62 -6.49
C LEU A 159 18.22 -3.01 -7.48
N ASP A 160 17.82 -3.45 -8.68
CA ASP A 160 18.74 -3.87 -9.73
C ASP A 160 19.13 -2.76 -10.70
N TYR A 161 18.70 -1.51 -10.47
CA TYR A 161 18.81 -0.46 -11.49
C TYR A 161 20.24 -0.26 -11.96
N SER A 162 21.22 -0.45 -11.08
CA SER A 162 22.61 -0.19 -11.42
C SER A 162 23.30 -1.41 -12.04
N GLY A 163 22.70 -2.59 -11.89
CA GLY A 163 23.22 -3.81 -12.45
C GLY A 163 22.61 -4.08 -13.80
N PRO A 164 21.70 -5.05 -13.88
CA PRO A 164 21.05 -5.34 -15.16
C PRO A 164 19.99 -4.33 -15.57
N GLY A 165 19.63 -3.42 -14.67
CA GLY A 165 18.58 -2.43 -14.90
C GLY A 165 17.27 -2.88 -14.27
N VAL A 166 16.29 -1.96 -14.27
CA VAL A 166 15.00 -2.28 -13.66
C VAL A 166 14.28 -3.34 -14.49
N ASP A 167 13.26 -3.96 -13.89
CA ASP A 167 12.46 -4.94 -14.59
C ASP A 167 11.24 -4.21 -15.18
N THR A 168 10.42 -4.91 -15.95
CA THR A 168 9.46 -4.24 -16.82
C THR A 168 8.13 -4.98 -16.89
N THR A 169 7.87 -5.93 -15.99
CA THR A 169 6.73 -6.83 -16.15
C THR A 169 5.88 -6.93 -14.89
N VAL A 170 4.64 -7.39 -15.11
CA VAL A 170 3.75 -7.84 -14.05
C VAL A 170 3.62 -9.36 -14.20
N SER A 171 3.95 -10.11 -13.14
CA SER A 171 3.76 -11.56 -13.16
C SER A 171 2.30 -11.89 -12.84
N VAL A 172 1.78 -12.93 -13.50
CA VAL A 172 0.44 -13.46 -13.26
C VAL A 172 0.59 -14.85 -12.67
N ILE A 173 -0.09 -15.09 -11.54
CA ILE A 173 -0.04 -16.39 -10.85
C ILE A 173 -1.45 -16.96 -10.81
N ASP A 174 -1.62 -18.18 -11.30
CA ASP A 174 -2.90 -18.85 -11.18
C ASP A 174 -3.05 -19.33 -9.74
N ILE A 175 -4.09 -18.87 -9.06
CA ILE A 175 -4.20 -19.18 -7.63
C ILE A 175 -4.46 -20.67 -7.42
N THR A 176 -5.26 -21.27 -8.29
CA THR A 176 -5.60 -22.68 -8.07
C THR A 176 -4.35 -23.56 -8.10
N THR A 177 -3.48 -23.36 -9.09
CA THR A 177 -2.25 -24.13 -9.16
C THR A 177 -1.09 -23.49 -8.43
N PHE A 178 -1.22 -22.23 -8.02
CA PHE A 178 -0.11 -21.43 -7.50
C PHE A 178 1.13 -21.55 -8.40
N LYS A 179 0.95 -21.39 -9.71
CA LYS A 179 2.04 -21.35 -10.68
C LYS A 179 1.99 -20.03 -11.43
N GLU A 180 3.17 -19.48 -11.73
CA GLU A 180 3.27 -18.31 -12.60
C GLU A 180 2.91 -18.73 -14.02
N THR A 181 1.93 -18.04 -14.61
CA THR A 181 1.48 -18.33 -15.97
C THR A 181 2.02 -17.38 -17.03
N LYS A 182 2.44 -16.18 -16.66
CA LYS A 182 2.79 -15.18 -17.65
C LYS A 182 3.54 -14.03 -16.99
N LYS A 183 4.39 -13.35 -17.77
CA LYS A 183 4.93 -12.05 -17.39
C LYS A 183 4.43 -11.05 -18.44
N ILE A 184 3.60 -10.11 -18.03
CA ILE A 184 3.03 -9.11 -18.93
C ILE A 184 3.97 -7.90 -18.99
N GLU A 185 4.43 -7.53 -20.19
CA GLU A 185 5.22 -6.31 -20.34
CA GLU A 185 5.22 -6.31 -20.34
C GLU A 185 4.35 -5.07 -20.12
N VAL A 186 4.74 -4.23 -19.15
CA VAL A 186 4.01 -3.02 -18.83
C VAL A 186 4.87 -1.76 -18.90
N GLY A 187 6.19 -1.89 -18.79
CA GLY A 187 7.09 -0.78 -18.82
C GLY A 187 7.94 -0.79 -17.58
N PRO A 188 8.97 0.08 -17.54
CA PRO A 188 9.95 0.04 -16.47
C PRO A 188 9.60 0.39 -15.04
N ASN A 189 10.06 -0.47 -14.12
CA ASN A 189 9.96 -0.15 -12.68
C ASN A 189 8.49 -0.09 -12.23
N PRO A 190 7.72 -1.16 -12.46
CA PRO A 190 6.34 -1.17 -11.98
C PRO A 190 6.28 -1.06 -10.45
N GLY A 191 5.23 -0.40 -9.96
CA GLY A 191 5.05 -0.20 -8.53
C GLY A 191 3.65 -0.55 -8.05
N LYS A 192 2.92 0.45 -7.55
CA LYS A 192 1.62 0.19 -6.95
C LYS A 192 0.69 -0.49 -7.96
N ILE A 193 -0.03 -1.52 -7.50
CA ILE A 193 -0.94 -2.32 -8.34
C ILE A 193 -2.27 -2.53 -7.61
N LEU A 194 -3.39 -2.32 -8.32
CA LEU A 194 -4.72 -2.38 -7.70
C LEU A 194 -5.73 -2.95 -8.68
N PRO A 195 -6.71 -3.70 -8.18
CA PRO A 195 -7.81 -4.15 -9.03
C PRO A 195 -8.84 -3.05 -9.23
N GLY A 196 -9.51 -3.10 -10.38
CA GLY A 196 -10.58 -2.16 -10.64
C GLY A 196 -11.81 -2.87 -11.16
N LEU A 197 -12.74 -2.13 -11.74
CA LEU A 197 -13.96 -2.71 -12.27
C LEU A 197 -13.70 -3.57 -13.51
N GLU A 198 -14.66 -4.45 -13.79
CA GLU A 198 -14.71 -5.24 -15.02
C GLU A 198 -13.40 -6.01 -15.26
N GLU A 199 -12.89 -6.64 -14.20
CA GLU A 199 -11.74 -7.52 -14.26
C GLU A 199 -10.46 -6.78 -14.65
N ALA A 200 -10.37 -5.48 -14.39
CA ALA A 200 -9.17 -4.73 -14.73
C ALA A 200 -8.17 -4.76 -13.58
N VAL A 201 -6.91 -4.53 -13.93
CA VAL A 201 -5.80 -4.36 -12.97
C VAL A 201 -5.05 -3.12 -13.42
N TYR A 202 -4.78 -2.19 -12.50
CA TYR A 202 -4.05 -0.97 -12.82
C TYR A 202 -2.70 -0.98 -12.11
N VAL A 203 -1.64 -0.57 -12.82
CA VAL A 203 -0.28 -0.58 -12.27
C VAL A 203 0.47 0.69 -12.67
N VAL A 204 1.23 1.28 -11.73
CA VAL A 204 2.09 2.42 -12.03
C VAL A 204 3.43 1.91 -12.57
N THR A 205 4.00 2.59 -13.57
CA THR A 205 5.39 2.33 -13.94
C THR A 205 6.20 3.60 -13.68
N ARG A 206 7.40 3.44 -13.13
CA ARG A 206 8.13 4.57 -12.57
C ARG A 206 9.38 4.94 -13.36
N GLY A 207 9.69 4.20 -14.43
CA GLY A 207 10.80 4.53 -15.32
C GLY A 207 12.12 3.87 -14.94
N THR A 208 13.07 3.90 -15.89
CA THR A 208 14.39 3.31 -15.65
C THR A 208 15.17 4.07 -14.59
N ASP A 209 15.01 5.39 -14.54
CA ASP A 209 15.57 6.24 -13.47
C ASP A 209 14.44 6.91 -12.74
N ILE A 210 14.07 6.37 -11.56
CA ILE A 210 12.87 6.84 -10.88
C ILE A 210 12.91 8.33 -10.61
N GLU A 211 14.09 8.87 -10.31
CA GLU A 211 14.16 10.29 -9.96
C GLU A 211 13.71 11.19 -11.11
N ALA A 212 13.75 10.70 -12.36
CA ALA A 212 13.50 11.53 -13.54
C ALA A 212 12.03 11.78 -13.82
N GLY A 213 11.12 11.05 -13.19
CA GLY A 213 9.72 11.40 -13.34
C GLY A 213 9.02 10.84 -14.56
N ASP A 214 9.55 9.78 -15.18
CA ASP A 214 8.91 9.15 -16.34
C ASP A 214 7.89 8.13 -15.82
N TYR A 215 6.73 8.65 -15.40
CA TYR A 215 5.74 7.87 -14.67
C TYR A 215 4.51 7.67 -15.55
N HIS A 216 3.98 6.45 -15.56
CA HIS A 216 2.74 6.16 -16.28
C HIS A 216 1.81 5.30 -15.43
N LEU A 217 0.53 5.33 -15.79
CA LEU A 217 -0.44 4.38 -15.30
C LEU A 217 -0.83 3.47 -16.47
N VAL A 218 -0.88 2.16 -16.21
CA VAL A 218 -1.12 1.12 -17.20
C VAL A 218 -2.30 0.26 -16.74
N LYS A 219 -3.24 -0.02 -17.65
CA LYS A 219 -4.39 -0.87 -17.36
C LYS A 219 -4.19 -2.21 -18.04
N ILE A 220 -4.31 -3.29 -17.27
CA ILE A 220 -4.26 -4.67 -17.74
C ILE A 220 -5.68 -5.21 -17.76
N ASP A 221 -6.05 -5.91 -18.82
CA ASP A 221 -7.28 -6.70 -18.84
C ASP A 221 -7.00 -8.10 -18.30
N SER A 222 -7.64 -8.45 -17.17
CA SER A 222 -7.38 -9.76 -16.58
C SER A 222 -8.09 -10.89 -17.32
N ARG A 223 -9.01 -10.59 -18.24
CA ARG A 223 -9.57 -11.67 -19.04
C ARG A 223 -8.57 -12.23 -20.04
N THR A 224 -7.73 -11.38 -20.64
CA THR A 224 -6.76 -11.80 -21.63
C THR A 224 -5.32 -11.72 -21.14
N ASP A 225 -5.11 -11.23 -19.91
CA ASP A 225 -3.79 -11.01 -19.33
C ASP A 225 -2.86 -10.26 -20.29
N ALA A 226 -3.35 -9.10 -20.72
CA ALA A 226 -2.64 -8.26 -21.64
C ALA A 226 -2.99 -6.81 -21.32
N VAL A 227 -2.09 -5.91 -21.68
CA VAL A 227 -2.32 -4.49 -21.54
C VAL A 227 -3.48 -4.06 -22.43
N ALA A 228 -4.38 -3.28 -21.84
CA ALA A 228 -5.52 -2.68 -22.53
C ALA A 228 -5.26 -1.21 -22.89
N ILE A 229 -4.74 -0.44 -21.95
CA ILE A 229 -4.53 1.01 -22.09
C ILE A 229 -3.22 1.39 -21.43
N THR A 230 -2.48 2.31 -22.06
CA THR A 230 -1.36 2.98 -21.39
C THR A 230 -1.74 4.47 -21.39
N TYR A 231 -1.90 5.04 -20.21
CA TYR A 231 -2.26 6.47 -20.10
C TYR A 231 -0.99 7.33 -20.20
N ASP A 232 -1.18 8.61 -20.47
CA ASP A 232 -0.01 9.52 -20.56
C ASP A 232 0.14 10.33 -19.26
N GLU A 233 -0.88 10.30 -18.41
CA GLU A 233 -0.82 11.08 -17.16
C GLU A 233 0.36 10.65 -16.29
N LYS A 234 1.05 11.63 -15.73
CA LYS A 234 2.11 11.29 -14.78
C LYS A 234 1.45 10.84 -13.48
N VAL A 235 1.68 9.60 -13.11
CA VAL A 235 1.06 9.01 -11.93
C VAL A 235 2.13 8.28 -11.13
N LEU A 236 2.29 8.67 -9.88
CA LEU A 236 3.19 7.95 -8.99
C LEU A 236 2.44 7.01 -8.04
N SER A 237 1.26 7.40 -7.57
CA SER A 237 0.44 6.55 -6.73
C SER A 237 -1.02 6.92 -6.98
N PHE A 238 -1.93 6.02 -6.63
CA PHE A 238 -3.33 6.23 -7.00
C PHE A 238 -4.21 5.34 -6.12
N ALA A 239 -5.51 5.64 -6.13
CA ALA A 239 -6.56 4.84 -5.53
C ALA A 239 -7.75 4.86 -6.48
N ILE A 240 -8.50 3.76 -6.53
CA ILE A 240 -9.59 3.57 -7.50
C ILE A 240 -10.95 3.61 -6.81
N ASP A 241 -11.90 4.34 -7.41
CA ASP A 241 -13.31 4.32 -7.00
C ASP A 241 -14.15 4.19 -8.27
N GLY A 242 -14.43 2.95 -8.66
CA GLY A 242 -15.12 2.69 -9.90
C GLY A 242 -14.29 3.21 -11.06
N PRO A 243 -14.89 4.02 -11.94
CA PRO A 243 -14.15 4.54 -13.10
C PRO A 243 -13.35 5.81 -12.81
N ILE A 244 -13.20 6.20 -11.55
CA ILE A 244 -12.47 7.41 -11.17
C ILE A 244 -11.22 6.98 -10.41
N ALA A 245 -10.11 7.64 -10.69
CA ALA A 245 -8.90 7.48 -9.88
C ALA A 245 -8.58 8.79 -9.17
N TYR A 246 -8.18 8.68 -7.91
CA TYR A 246 -7.63 9.78 -7.13
C TYR A 246 -6.13 9.52 -7.09
N LEU A 247 -5.33 10.44 -7.60
CA LEU A 247 -3.93 10.09 -7.80
C LEU A 247 -3.02 11.27 -7.48
N TYR A 248 -1.73 10.96 -7.33
CA TYR A 248 -0.76 12.03 -7.20
C TYR A 248 0.52 11.65 -7.92
N THR A 249 1.29 12.68 -8.20
CA THR A 249 2.65 12.57 -8.69
C THR A 249 3.53 13.52 -7.89
N TYR A 250 4.81 13.20 -7.85
CA TYR A 250 5.78 13.92 -7.05
C TYR A 250 7.06 13.99 -7.86
N ASP A 251 7.71 15.16 -7.86
CA ASP A 251 8.95 15.39 -8.61
C ASP A 251 10.10 15.41 -7.62
N TYR A 252 10.92 14.37 -7.65
CA TYR A 252 11.97 14.22 -6.66
C TYR A 252 13.13 15.18 -6.88
N GLN A 253 13.16 15.88 -8.02
CA GLN A 253 14.18 16.89 -8.26
C GLN A 253 13.72 18.26 -7.78
N THR A 254 12.48 18.65 -8.08
CA THR A 254 12.00 19.98 -7.71
C THR A 254 11.16 19.98 -6.44
N LYS A 255 10.72 18.81 -5.97
CA LYS A 255 9.81 18.67 -4.84
C LYS A 255 8.41 19.22 -5.10
N ASP A 256 8.05 19.49 -6.36
CA ASP A 256 6.69 19.87 -6.72
C ASP A 256 5.82 18.62 -6.75
N SER A 257 4.51 18.80 -6.61
CA SER A 257 3.63 17.65 -6.63
C SER A 257 2.26 18.07 -7.14
N ALA A 258 1.44 17.07 -7.45
CA ALA A 258 0.08 17.34 -7.88
C ALA A 258 -0.78 16.17 -7.44
N ASN A 259 -1.98 16.49 -6.96
CA ASN A 259 -2.97 15.50 -6.55
CA ASN A 259 -2.97 15.51 -6.55
C ASN A 259 -4.22 15.79 -7.37
N LYS A 260 -4.74 14.78 -8.08
CA LYS A 260 -5.72 15.02 -9.13
C LYS A 260 -6.87 14.01 -9.07
N VAL A 261 -8.01 14.38 -9.67
CA VAL A 261 -9.10 13.43 -9.95
C VAL A 261 -9.03 13.09 -11.44
N PHE A 262 -9.08 11.80 -11.78
CA PHE A 262 -8.79 11.36 -13.14
C PHE A 262 -9.87 10.39 -13.64
N ASP A 263 -10.31 10.57 -14.89
CA ASP A 263 -11.34 9.72 -15.49
C ASP A 263 -10.66 8.56 -16.20
N LEU A 264 -10.83 7.34 -15.66
CA LEU A 264 -10.17 6.17 -16.22
C LEU A 264 -10.81 5.73 -17.53
N ASN A 265 -12.09 6.04 -17.74
CA ASN A 265 -12.70 5.72 -19.02
C ASN A 265 -12.18 6.63 -20.15
N ALA A 266 -11.92 7.90 -19.83
CA ALA A 266 -11.54 8.85 -20.86
C ALA A 266 -10.05 9.09 -20.95
N GLY A 267 -9.30 8.73 -19.91
CA GLY A 267 -7.91 9.11 -19.85
C GLY A 267 -7.69 10.59 -19.72
N THR A 268 -8.61 11.32 -19.10
CA THR A 268 -8.43 12.76 -18.94
C THR A 268 -8.65 13.18 -17.50
N VAL A 269 -8.07 14.33 -17.15
CA VAL A 269 -8.17 14.87 -15.80
C VAL A 269 -9.54 15.49 -15.58
N ILE A 270 -10.21 15.11 -14.49
CA ILE A 270 -11.46 15.72 -14.08
C ILE A 270 -11.20 17.00 -13.31
N ARG A 271 -10.24 16.98 -12.39
CA ARG A 271 -9.85 18.15 -11.59
C ARG A 271 -8.34 18.17 -11.45
N ASP A 272 -7.72 19.26 -11.90
CA ASP A 272 -6.27 19.39 -11.83
C ASP A 272 -5.78 19.45 -10.40
N ASN A 273 -6.56 20.03 -9.49
CA ASN A 273 -6.25 19.90 -8.06
CA ASN A 273 -6.28 19.97 -8.06
C ASN A 273 -7.43 19.24 -7.37
N PHE A 274 -7.17 18.03 -6.91
CA PHE A 274 -8.15 17.31 -6.11
C PHE A 274 -8.62 18.16 -4.94
N ILE A 275 -7.69 18.81 -4.25
CA ILE A 275 -8.01 19.57 -3.04
C ILE A 275 -8.60 20.90 -3.47
N THR A 276 -9.76 21.25 -2.92
CA THR A 276 -10.45 22.47 -3.33
C THR A 276 -10.56 23.53 -2.24
N ASP A 277 -10.01 23.29 -1.06
CA ASP A 277 -10.20 24.22 0.06
C ASP A 277 -8.89 24.87 0.50
N GLY A 278 -7.85 24.75 -0.31
CA GLY A 278 -6.58 25.35 -0.01
C GLY A 278 -5.67 24.55 0.88
N THR A 279 -6.08 23.38 1.35
CA THR A 279 -5.22 22.60 2.22
C THR A 279 -3.93 22.24 1.49
N ALA A 280 -2.79 22.49 2.13
CA ALA A 280 -1.48 22.24 1.53
C ALA A 280 -0.92 20.89 1.97
N ILE A 281 -0.38 20.13 1.03
CA ILE A 281 0.36 18.91 1.32
C ILE A 281 1.73 19.02 0.65
N GLN A 282 2.79 18.93 1.46
CA GLN A 282 4.14 19.10 0.93
C GLN A 282 4.63 17.82 0.26
N THR A 283 4.46 16.69 0.92
CA THR A 283 5.02 15.43 0.46
C THR A 283 3.95 14.35 0.58
N PRO A 284 3.06 14.25 -0.41
CA PRO A 284 2.06 13.19 -0.34
C PRO A 284 2.76 11.85 -0.39
N PHE A 285 2.38 10.96 0.53
CA PHE A 285 3.15 9.73 0.73
C PHE A 285 2.30 8.48 0.62
N SER A 286 0.98 8.61 0.53
CA SER A 286 0.07 7.50 0.29
C SER A 286 -1.27 8.10 -0.10
N ILE A 287 -2.09 7.31 -0.79
CA ILE A 287 -3.46 7.73 -1.08
C ILE A 287 -4.32 6.46 -1.10
N GLN A 288 -5.52 6.55 -0.50
CA GLN A 288 -6.41 5.40 -0.41
C GLN A 288 -7.80 5.91 -0.07
N LEU A 289 -8.80 5.07 -0.28
CA LEU A 289 -10.18 5.37 0.07
C LEU A 289 -10.59 4.62 1.32
N ASN A 290 -11.46 5.24 2.12
CA ASN A 290 -12.14 4.52 3.19
C ASN A 290 -13.30 3.78 2.53
N PRO A 291 -13.29 2.44 2.48
CA PRO A 291 -14.36 1.75 1.75
C PRO A 291 -15.73 1.92 2.38
N PHE A 292 -15.81 2.38 3.63
CA PHE A 292 -17.08 2.50 4.35
C PHE A 292 -17.72 3.88 4.21
N SER A 293 -16.97 4.89 3.81
CA SER A 293 -17.49 6.23 3.61
C SER A 293 -17.22 6.82 2.24
N GLY A 294 -16.23 6.34 1.50
CA GLY A 294 -15.81 6.98 0.28
C GLY A 294 -14.83 8.13 0.43
N ASN A 295 -14.46 8.51 1.66
CA ASN A 295 -13.52 9.61 1.82
C ASN A 295 -12.12 9.22 1.31
N ILE A 296 -11.36 10.25 0.92
CA ILE A 296 -9.99 10.10 0.41
C ILE A 296 -9.04 10.39 1.56
N TYR A 297 -8.12 9.47 1.83
CA TYR A 297 -7.12 9.64 2.88
C TYR A 297 -5.75 9.78 2.23
N ILE A 298 -5.04 10.86 2.57
CA ILE A 298 -3.70 11.11 2.03
C ILE A 298 -2.78 11.35 3.21
N THR A 299 -1.59 10.77 3.18
CA THR A 299 -0.65 11.05 4.24
C THR A 299 0.42 12.04 3.78
N GLU A 300 0.95 12.76 4.75
CA GLU A 300 1.93 13.82 4.58
C GLU A 300 3.22 13.39 5.26
N ALA A 301 4.35 13.35 4.54
CA ALA A 301 5.62 12.91 5.12
C ALA A 301 6.65 14.02 5.30
N TYR A 302 6.36 15.26 4.94
CA TYR A 302 7.27 16.40 5.14
C TYR A 302 8.64 16.06 4.54
N ASN A 303 9.74 16.21 5.29
CA ASN A 303 11.08 15.93 4.81
C ASN A 303 11.60 14.57 5.27
N TYR A 304 10.70 13.68 5.65
CA TYR A 304 11.00 12.30 6.00
C TYR A 304 11.65 12.18 7.37
N THR A 305 11.95 13.27 8.09
CA THR A 305 12.68 13.14 9.36
C THR A 305 11.91 13.68 10.55
N VAL A 306 10.71 14.21 10.34
CA VAL A 306 9.78 14.63 11.36
C VAL A 306 8.49 13.83 11.15
N LYS A 307 7.73 13.68 12.23
CA LYS A 307 6.51 12.90 12.18
C LYS A 307 5.51 13.53 11.22
N GLY A 308 4.78 12.68 10.50
CA GLY A 308 3.88 13.11 9.46
C GLY A 308 2.44 13.12 9.93
N ASP A 309 1.53 13.38 8.98
CA ASP A 309 0.10 13.57 9.28
C ASP A 309 -0.77 12.68 8.40
N VAL A 310 -2.01 12.47 8.82
CA VAL A 310 -3.04 11.81 8.03
C VAL A 310 -4.15 12.82 7.78
N LEU A 311 -4.52 13.01 6.51
CA LEU A 311 -5.56 13.97 6.12
C LEU A 311 -6.73 13.24 5.46
N CYS A 312 -7.95 13.57 5.90
CA CYS A 312 -9.19 12.98 5.42
C CYS A 312 -9.95 14.04 4.61
N PHE A 313 -10.22 13.76 3.32
CA PHE A 313 -10.96 14.65 2.43
C PHE A 313 -12.24 13.99 1.93
N ASN A 314 -13.28 14.78 1.66
CA ASN A 314 -14.37 14.21 0.89
C ASN A 314 -13.98 14.19 -0.59
N GLN A 315 -14.84 13.59 -1.42
CA GLN A 315 -14.49 13.46 -2.83
C GLN A 315 -14.46 14.80 -3.54
N GLN A 316 -15.10 15.81 -2.95
CA GLN A 316 -15.08 17.17 -3.45
C GLN A 316 -13.82 17.94 -3.05
N GLY A 317 -12.89 17.30 -2.35
CA GLY A 317 -11.62 17.95 -2.07
C GLY A 317 -11.62 18.85 -0.84
N GLN A 318 -12.59 18.68 0.04
CA GLN A 318 -12.70 19.45 1.28
C GLN A 318 -12.17 18.62 2.44
N LEU A 319 -11.27 19.22 3.21
CA LEU A 319 -10.72 18.55 4.39
C LEU A 319 -11.77 18.36 5.45
N GLN A 320 -12.02 17.11 5.81
CA GLN A 320 -12.90 16.78 6.92
C GLN A 320 -12.18 16.92 8.26
N TYR A 321 -11.01 16.31 8.39
CA TYR A 321 -10.19 16.43 9.60
C TYR A 321 -8.79 15.98 9.23
N ARG A 322 -7.82 16.28 10.10
CA ARG A 322 -6.49 15.72 9.98
C ARG A 322 -6.01 15.27 11.36
N LEU A 323 -5.18 14.24 11.42
CA LEU A 323 -4.50 13.86 12.65
C LEU A 323 -3.02 14.11 12.43
N ASN A 324 -2.41 14.91 13.29
CA ASN A 324 -1.07 15.41 13.05
C ASN A 324 -0.07 14.67 13.92
N ASP A 325 1.18 14.59 13.44
CA ASP A 325 2.29 14.03 14.21
C ASP A 325 1.99 12.59 14.62
N ILE A 326 1.45 11.83 13.67
CA ILE A 326 0.91 10.51 13.98
C ILE A 326 2.03 9.47 14.05
N GLY A 327 3.07 9.62 13.25
CA GLY A 327 4.15 8.64 13.18
C GLY A 327 5.15 9.12 12.14
N LEU A 328 6.32 8.47 12.11
CA LEU A 328 7.36 8.87 11.16
C LEU A 328 7.14 8.18 9.79
N ASN A 329 6.84 8.99 8.75
CA ASN A 329 6.57 8.52 7.37
C ASN A 329 5.36 7.58 7.31
N PRO A 330 4.16 8.09 7.63
CA PRO A 330 2.95 7.26 7.55
C PRO A 330 2.62 6.91 6.10
N ASN A 331 2.46 5.60 5.84
CA ASN A 331 2.40 5.10 4.48
C ASN A 331 1.15 4.33 4.11
N THR A 332 0.25 4.04 5.04
CA THR A 332 -0.94 3.23 4.75
C THR A 332 -1.98 3.56 5.81
N VAL A 333 -3.24 3.66 5.39
CA VAL A 333 -4.35 3.81 6.33
C VAL A 333 -5.38 2.75 5.98
N VAL A 334 -5.76 1.93 6.97
CA VAL A 334 -6.80 0.92 6.77
C VAL A 334 -7.88 1.09 7.84
N PHE A 335 -9.04 0.50 7.58
CA PHE A 335 -10.26 0.82 8.31
C PHE A 335 -11.01 -0.43 8.73
N SER A 336 -11.70 -0.33 9.88
CA SER A 336 -12.60 -1.38 10.35
C SER A 336 -13.97 -0.82 10.67
N ASP A 337 -15.01 -1.51 10.24
CA ASP A 337 -16.35 -1.10 10.64
C ASP A 337 -16.82 -1.85 11.89
N LYS A 338 -15.95 -2.66 12.48
CA LYS A 338 -16.21 -3.35 13.73
C LYS A 338 -15.19 -2.90 14.76
N ALA A 339 -15.65 -2.65 15.98
CA ALA A 339 -14.76 -2.25 17.06
C ALA A 339 -13.95 -3.45 17.56
N SER A 340 -12.68 -3.20 17.92
CA SER A 340 -11.91 -4.20 18.63
C SER A 340 -12.41 -4.28 20.08
N GLN A 341 -11.89 -5.25 20.84
CA GLN A 341 -12.18 -5.34 22.27
C GLN A 341 -11.12 -4.64 23.11
N ASN A 342 -10.18 -3.93 22.48
CA ASN A 342 -9.09 -3.26 23.17
C ASN A 342 -9.44 -1.78 23.31
N GLU A 343 -9.64 -1.32 24.56
CA GLU A 343 -10.04 0.08 24.86
C GLU A 343 -9.93 1.06 23.68
C1 GOL B . 9.89 1.89 -3.11
O1 GOL B . 9.97 1.20 -4.39
C2 GOL B . 8.63 2.78 -3.17
O2 GOL B . 7.48 2.03 -3.41
C3 GOL B . 8.55 3.50 -1.78
O3 GOL B . 8.25 2.53 -0.81
CO B12 C . 13.95 5.32 -1.92
N21 B12 C . 13.67 3.88 -0.69
N22 B12 C . 14.75 4.14 -3.23
N23 B12 C . 14.26 6.88 -2.89
N24 B12 C . 12.85 6.05 -0.47
C1 B12 C . 13.50 3.92 0.86
C20 B12 C . 14.89 4.11 1.43
C2 B12 C . 12.70 2.70 1.16
C25 B12 C . 12.97 2.24 2.58
C26 B12 C . 11.24 3.04 0.91
C27 B12 C . 10.28 2.00 1.46
O28 B12 C . 9.40 2.25 2.22
N29 B12 C . 10.37 0.77 1.10
C3 B12 C . 13.23 1.78 0.05
C30 B12 C . 14.43 0.90 0.37
C31 B12 C . 13.98 -0.48 0.85
C32 B12 C . 14.98 -1.58 0.64
O34 B12 C . 15.93 -1.47 -0.10
N33 B12 C . 14.76 -2.70 1.31
C4 B12 C . 13.51 2.69 -1.11
C5 B12 C . 13.53 2.21 -2.50
C35 B12 C . 12.98 0.81 -2.76
C6 B12 C . 14.04 2.92 -3.51
C7 B12 C . 14.12 2.55 -5.02
C36 B12 C . 14.55 1.11 -5.32
C37 B12 C . 12.75 2.87 -5.66
C38 B12 C . 12.52 2.21 -6.99
O39 B12 C . 11.71 1.32 -7.15
N40 B12 C . 13.24 2.65 -8.00
C8 B12 C . 15.19 3.53 -5.49
C41 B12 C . 16.63 3.01 -5.41
C42 B12 C . 17.75 4.04 -5.47
C43 B12 C . 17.91 4.73 -6.80
O44 B12 C . 17.52 4.28 -7.86
N45 B12 C . 18.53 5.90 -6.74
C9 B12 C . 14.95 4.62 -4.54
C10 B12 C . 14.95 5.98 -4.98
C11 B12 C . 14.63 6.98 -4.18
C12 B12 C . 14.67 8.40 -4.70
C46 B12 C . 13.37 8.67 -5.44
C47 B12 C . 15.81 8.70 -5.68
C13 B12 C . 14.67 9.14 -3.38
C48 B12 C . 16.01 9.68 -2.88
C49 B12 C . 16.60 10.94 -3.52
C50 B12 C . 15.66 12.11 -3.61
O51 B12 C . 14.99 12.41 -2.67
N52 B12 C . 15.61 12.78 -4.75
C14 B12 C . 14.13 8.06 -2.44
C15 B12 C . 13.48 8.38 -1.16
C53 B12 C . 13.26 9.88 -0.96
C16 B12 C . 13.08 7.45 -0.24
C17 B12 C . 12.61 7.73 1.16
C54 B12 C . 11.14 8.10 0.95
C55 B12 C . 13.25 8.85 1.98
C56 B12 C . 14.77 9.01 1.89
C57 B12 C . 15.18 10.23 2.66
O58 B12 C . 15.20 11.32 2.15
N59 B12 C . 15.50 10.14 3.90
C18 B12 C . 12.80 6.37 1.88
C60 B12 C . 11.73 6.15 2.96
C61 B12 C . 12.28 5.50 4.20
O63 B12 C . 11.61 4.70 4.78
N62 B12 C . 13.46 5.89 4.61
C19 B12 C . 12.88 5.29 0.83
C1P B12 C . 15.93 10.64 5.19
C2P B12 C . 17.34 11.16 5.00
C3P B12 C . 17.63 12.34 5.91
O3 B12 C . 18.19 10.08 5.32
O4 B12 C . 19.93 8.38 4.85
O5 B12 C . 20.07 10.79 3.86
P B12 C . 19.28 9.60 4.27
O2 B12 C . 18.39 9.12 3.04
C3R B12 C . 19.03 8.73 1.85
C2R B12 C . 18.76 7.30 1.48
O7R B12 C . 17.42 6.99 1.83
C1R B12 C . 18.99 7.27 -0.01
O6R B12 C . 18.69 8.59 -0.47
C4R B12 C . 18.49 9.46 0.64
C5R B12 C . 19.18 10.78 0.38
O8R B12 C . 20.54 10.54 0.00
N1B B12 C . 18.10 6.27 -0.60
C8B B12 C . 18.38 4.97 -0.77
C2B B12 C . 16.89 6.52 -1.06
N3B B12 C . 16.36 5.39 -1.52
C9B B12 C . 17.20 4.37 -1.37
C4B B12 C . 17.14 3.02 -1.69
C5B B12 C . 18.21 2.22 -1.42
C5M B12 C . 18.12 0.77 -1.77
C6B B12 C . 19.42 2.82 -0.80
C6M B12 C . 20.60 1.95 -0.50
C7B B12 C . 19.46 4.17 -0.49
H201 B12 C . 14.84 4.27 2.41
H202 B12 C . 15.29 4.90 1.01
H203 B12 C . 15.46 3.33 1.25
H251 B12 C . 12.42 2.78 3.21
H252 B12 C . 13.93 2.36 2.80
H253 B12 C . 12.73 1.29 2.68
H261 B12 C . 11.07 3.15 -0.05
H262 B12 C . 11.03 3.92 1.35
H291 B12 C . 9.75 0.24 1.48
H292 B12 C . 10.97 0.42 0.53
H3 B12 C . 12.49 1.18 -0.23
H301 B12 C . 15.02 1.32 1.05
H302 B12 C . 14.97 0.82 -0.47
H311 B12 C . 13.78 -0.42 1.82
H312 B12 C . 13.13 -0.73 0.40
H331 B12 C . 15.32 -3.40 1.24
H332 B12 C . 14.04 -2.76 1.86
H351 B12 C . 12.54 0.78 -3.64
H352 B12 C . 12.30 0.56 -2.09
H353 B12 C . 13.73 0.16 -2.73
H361 B12 C . 13.77 0.50 -5.32
H362 B12 C . 15.19 0.80 -4.63
H363 B12 C . 14.98 1.05 -6.20
H371 B12 C . 12.04 2.59 -5.02
H372 B12 C . 12.68 3.85 -5.78
H401 B12 C . 13.14 2.27 -8.81
H402 B12 C . 13.84 3.31 -7.88
H8 B12 C . 15.01 3.85 -6.40
H411 B12 C . 16.78 2.36 -6.14
H412 B12 C . 16.75 2.51 -4.57
H421 B12 C . 17.63 4.72 -4.76
H422 B12 C . 18.60 3.57 -5.28
H451 B12 C . 18.80 6.21 -5.95
H452 B12 C . 18.66 6.38 -7.49
H10 B12 C . 15.16 6.14 -5.91
H461 B12 C . 13.41 9.57 -5.82
H462 B12 C . 12.61 8.61 -4.80
H463 B12 C . 13.25 8.01 -6.15
H471 B12 C . 15.65 8.21 -6.52
H472 B12 C . 16.67 8.41 -5.29
H473 B12 C . 15.82 9.66 -5.87
H13 B12 C . 14.02 9.88 -3.49
H481 B12 C . 16.68 8.95 -2.98
H482 B12 C . 15.93 9.84 -1.90
H491 B12 C . 16.96 10.74 -4.42
H492 B12 C . 17.37 11.22 -2.97
H521 B12 C . 15.06 13.48 -4.84
H522 B12 C . 16.13 12.53 -5.44
H531 B12 C . 14.11 10.31 -0.70
H532 B12 C . 12.57 10.07 -0.28
H533 B12 C . 12.93 10.29 -1.80
H541 B12 C . 10.60 7.28 0.77
H542 B12 C . 11.02 8.71 0.17
H543 B12 C . 10.79 8.55 1.76
H551 B12 C . 13.03 8.69 2.93
H552 B12 C . 12.82 9.72 1.75
H561 B12 C . 15.08 9.08 0.95
H562 B12 C . 15.19 8.20 2.29
H59 B12 C . 15.58 11.02 3.72
H18 B12 C . 13.70 6.42 2.26
H601 B12 C . 11.36 7.02 3.26
H602 B12 C . 11.01 5.61 2.58
H621 B12 C . 13.78 5.54 5.37
H622 B12 C . 13.94 6.52 4.20
H1P1 B12 C . 15.35 11.34 5.56
H1P2 B12 C . 15.96 9.89 5.83
H2P B12 C . 17.49 11.45 4.06
H3P1 B12 C . 17.50 12.07 6.84
H3P2 B12 C . 17.02 13.08 5.68
H3P3 B12 C . 18.57 12.63 5.77
H3R B12 C . 20.01 8.87 1.92
H2R B12 C . 19.40 6.70 1.95
HOR7 B12 C . 17.20 7.42 2.51
H1R B12 C . 19.94 7.06 -0.19
H4R B12 C . 17.52 9.62 0.77
H5R1 B12 C . 19.15 11.33 1.21
H5R2 B12 C . 18.73 11.25 -0.35
HOR8 B12 C . 20.59 9.79 -0.37
H2B B12 C . 16.44 7.39 -1.04
H4B B12 C . 16.35 2.62 -2.10
HM51 B12 C . 18.25 0.23 -0.95
HM52 B12 C . 18.80 0.54 -2.43
HM53 B12 C . 17.21 0.59 -2.14
HM61 B12 C . 20.31 1.08 -0.14
HM62 B12 C . 21.13 1.83 -1.32
HM63 B12 C . 21.16 2.41 0.18
H7B B12 C . 20.26 4.54 -0.08
O OH D . 11.27 5.67 -2.95
HO OH D . 11.31 4.79 -2.55
C1 GOL E . 22.57 -1.07 -4.93
O1 GOL E . 21.85 -0.28 -5.88
C2 GOL E . 21.76 -1.33 -3.64
O2 GOL E . 21.52 -0.12 -3.00
C3 GOL E . 20.44 -2.00 -3.99
O3 GOL E . 20.71 -3.11 -4.78
H11 GOL E . 23.41 -0.65 -4.67
H12 GOL E . 22.81 -1.94 -5.30
HO1 GOL E . 21.31 0.21 -5.45
H2 GOL E . 22.27 -1.92 -3.07
HO2 GOL E . 20.83 0.22 -3.37
H31 GOL E . 19.87 -1.35 -4.43
H32 GOL E . 19.98 -2.22 -3.17
HO3 GOL E . 21.26 -3.59 -4.37
NA NA F . 22.48 -3.38 -0.12
NA NA G . 3.86 0.74 17.57
#